data_8OXK
#
_entry.id   8OXK
#
_cell.length_a   125.941
_cell.length_b   28.955
_cell.length_c   29.175
_cell.angle_alpha   90.000
_cell.angle_beta   96.668
_cell.angle_gamma   90.000
#
_symmetry.space_group_name_H-M   'C 1 2 1'
#
loop_
_entity.id
_entity.type
_entity.pdbx_description
1 polymer 'CSEP0141 putative effector protein'
2 water water
#
_entity_poly.entity_id   1
_entity_poly.type   'polypeptide(L)'
_entity_poly.pdbx_seq_one_letter_code
;GSDGWTCAGSDFDGDQVRGQARHWVDQQKTKFSDFQTHDGVQLCHFELGEGNQLTQSFTGFRAYCDEPGDVYNVRYWDVS
SRTWVLCTHYDIDFESDYR
;
_entity_poly.pdbx_strand_id   A
#
# COMPACT_ATOMS: atom_id res chain seq x y z
N GLY A 1 4.95 -20.21 -1.80
CA GLY A 1 5.42 -18.81 -1.86
C GLY A 1 4.67 -17.90 -0.95
N SER A 2 5.34 -16.87 -0.45
CA SER A 2 4.69 -15.86 0.36
C SER A 2 5.35 -14.55 -0.03
N ASP A 3 4.66 -13.45 0.25
CA ASP A 3 5.23 -12.16 -0.05
C ASP A 3 4.74 -11.07 0.89
N GLY A 4 5.33 -9.89 0.81
CA GLY A 4 4.92 -8.84 1.75
C GLY A 4 5.73 -7.59 1.50
N TRP A 5 5.51 -6.62 2.35
CA TRP A 5 6.34 -5.42 2.36
C TRP A 5 6.91 -5.21 3.75
N THR A 6 8.14 -4.68 3.75
CA THR A 6 8.84 -4.25 4.96
C THR A 6 9.00 -2.72 4.92
N CYS A 7 8.43 -2.06 5.91
CA CYS A 7 8.43 -0.59 6.01
C CYS A 7 9.22 -0.25 7.26
N ALA A 8 10.52 -0.02 7.11
CA ALA A 8 11.45 0.17 8.22
C ALA A 8 11.19 -1.00 9.14
N GLY A 9 10.69 -0.74 10.34
CA GLY A 9 10.50 -1.89 11.27
C GLY A 9 9.22 -2.69 11.17
N SER A 10 8.34 -2.37 10.24
CA SER A 10 6.99 -2.92 10.22
C SER A 10 6.78 -3.82 9.02
N ASP A 11 6.21 -5.00 9.25
CA ASP A 11 5.99 -5.99 8.22
C ASP A 11 4.50 -6.03 7.85
N PHE A 12 4.20 -6.13 6.53
CA PHE A 12 2.81 -6.29 6.10
C PHE A 12 2.77 -7.50 5.17
N ASP A 13 1.81 -8.40 5.42
CA ASP A 13 1.63 -9.56 4.59
C ASP A 13 1.00 -9.16 3.27
N GLY A 14 1.48 -9.74 2.19
CA GLY A 14 1.02 -9.38 0.87
C GLY A 14 -0.46 -9.67 0.65
N ASP A 15 -0.91 -10.82 1.12
CA ASP A 15 -2.31 -11.20 0.90
C ASP A 15 -3.21 -10.26 1.69
N GLN A 16 -2.78 -9.89 2.89
CA GLN A 16 -3.57 -8.97 3.71
C GLN A 16 -3.64 -7.58 3.08
N VAL A 17 -2.53 -7.08 2.55
CA VAL A 17 -2.54 -5.79 1.87
C VAL A 17 -3.46 -5.87 0.66
N ARG A 18 -3.37 -6.94 -0.11
CA ARG A 18 -4.19 -7.07 -1.30
C ARG A 18 -5.66 -7.22 -0.97
N GLY A 19 -5.96 -7.85 0.16
CA GLY A 19 -7.35 -7.94 0.59
C GLY A 19 -7.94 -6.57 0.90
N GLN A 20 -7.18 -5.72 1.54
CA GLN A 20 -7.67 -4.37 1.79
C GLN A 20 -7.83 -3.62 0.50
N ALA A 21 -6.90 -3.78 -0.40
CA ALA A 21 -6.99 -3.10 -1.67
C ALA A 21 -8.23 -3.51 -2.45
N ARG A 22 -8.52 -4.82 -2.47
CA ARG A 22 -9.70 -5.29 -3.17
C ARG A 22 -10.94 -4.58 -2.65
N HIS A 23 -11.02 -4.46 -1.34
CA HIS A 23 -12.18 -3.78 -0.75
C HIS A 23 -12.25 -2.33 -1.22
N TRP A 24 -11.16 -1.57 -1.13
CA TRP A 24 -11.29 -0.13 -1.39
C TRP A 24 -11.51 0.19 -2.85
N VAL A 25 -10.99 -0.67 -3.71
CA VAL A 25 -11.26 -0.56 -5.12
C VAL A 25 -12.74 -0.85 -5.40
N ASP A 26 -13.25 -1.93 -4.78
CA ASP A 26 -14.66 -2.27 -4.97
C ASP A 26 -15.57 -1.15 -4.53
N GLN A 27 -15.20 -0.50 -3.45
CA GLN A 27 -15.92 0.61 -2.92
C GLN A 27 -15.81 1.90 -3.70
N GLN A 28 -14.80 1.99 -4.54
CA GLN A 28 -14.54 3.19 -5.32
C GLN A 28 -14.15 4.29 -4.35
N LYS A 29 -13.39 3.97 -3.33
CA LYS A 29 -13.05 4.92 -2.26
C LYS A 29 -11.53 4.97 -2.00
N THR A 30 -10.75 4.60 -3.02
CA THR A 30 -9.35 4.96 -3.01
C THR A 30 -9.24 6.47 -3.24
N LYS A 31 -8.06 6.98 -2.93
CA LYS A 31 -7.87 8.42 -2.91
C LYS A 31 -6.78 8.83 -3.90
N PHE A 32 -6.88 9.99 -4.53
CA PHE A 32 -5.89 10.45 -5.50
C PHE A 32 -4.55 10.72 -4.81
N SER A 33 -3.49 10.14 -5.39
CA SER A 33 -2.19 10.33 -4.80
C SER A 33 -1.36 11.24 -5.67
N ASP A 34 -0.21 11.62 -5.11
CA ASP A 34 0.80 12.40 -5.83
C ASP A 34 1.83 11.55 -6.49
N PHE A 35 1.74 10.27 -6.43
CA PHE A 35 2.69 9.30 -6.95
C PHE A 35 2.20 8.61 -8.21
N GLN A 36 3.13 8.07 -8.99
CA GLN A 36 2.87 7.36 -10.22
C GLN A 36 3.70 6.07 -10.24
N THR A 37 3.29 5.13 -11.05
CA THR A 37 4.12 3.97 -11.27
C THR A 37 5.34 4.34 -12.09
N HIS A 38 6.24 3.37 -12.27
CA HIS A 38 7.39 3.57 -13.16
C HIS A 38 6.98 3.82 -14.60
N ASP A 39 5.85 3.27 -14.99
CA ASP A 39 5.27 3.38 -16.33
C ASP A 39 4.48 4.66 -16.50
N GLY A 40 4.33 5.50 -15.47
CA GLY A 40 3.60 6.76 -15.63
C GLY A 40 2.12 6.74 -15.22
N VAL A 41 1.64 5.65 -14.68
CA VAL A 41 0.23 5.53 -14.37
C VAL A 41 0.03 6.22 -13.03
N GLN A 42 -1.01 6.99 -12.92
CA GLN A 42 -1.30 7.64 -11.63
C GLN A 42 -1.90 6.66 -10.61
N LEU A 43 -1.39 6.72 -9.44
CA LEU A 43 -1.72 5.78 -8.38
C LEU A 43 -2.77 6.42 -7.51
N CYS A 44 -3.64 5.60 -6.94
CA CYS A 44 -4.56 6.01 -5.87
C CYS A 44 -4.21 5.20 -4.63
N HIS A 45 -4.42 5.72 -3.47
CA HIS A 45 -4.01 5.07 -2.22
C HIS A 45 -5.19 4.82 -1.30
N PHE A 46 -4.91 3.99 -0.31
CA PHE A 46 -5.80 3.84 0.81
C PHE A 46 -4.90 3.80 2.03
N GLU A 47 -5.45 4.15 3.18
CA GLU A 47 -4.80 4.03 4.46
C GLU A 47 -4.66 2.58 4.85
N LEU A 48 -3.48 2.06 5.11
CA LEU A 48 -3.24 0.64 5.26
C LEU A 48 -3.32 0.24 6.71
N GLY A 49 -4.28 -0.61 7.05
CA GLY A 49 -4.38 -1.09 8.41
C GLY A 49 -3.54 -2.29 8.66
N GLU A 50 -3.40 -2.57 9.95
CA GLU A 50 -2.67 -3.76 10.37
C GLU A 50 -3.52 -5.01 10.10
N GLY A 51 -2.90 -6.11 9.75
CA GLY A 51 -3.67 -7.30 9.51
C GLY A 51 -4.68 -7.11 8.41
N ASN A 52 -5.91 -7.58 8.70
CA ASN A 52 -7.02 -7.42 7.74
C ASN A 52 -7.87 -6.16 8.03
N GLN A 53 -7.46 -5.35 8.99
CA GLN A 53 -8.22 -4.18 9.43
C GLN A 53 -8.41 -3.17 8.30
N LEU A 54 -9.62 -2.74 8.11
CA LEU A 54 -9.97 -1.73 7.14
C LEU A 54 -10.17 -0.39 7.82
N THR A 55 -9.58 0.65 7.27
CA THR A 55 -9.68 1.96 7.92
C THR A 55 -9.60 3.04 6.82
N GLN A 56 -10.26 4.20 7.10
CA GLN A 56 -10.11 5.42 6.32
C GLN A 56 -9.21 6.43 7.02
N SER A 57 -8.75 6.11 8.23
CA SER A 57 -7.93 7.03 9.03
C SER A 57 -6.42 6.79 8.87
N PHE A 58 -5.60 7.84 9.07
CA PHE A 58 -4.15 7.78 8.93
C PHE A 58 -3.60 6.78 9.90
N THR A 59 -2.78 5.88 9.38
CA THR A 59 -2.06 4.92 10.17
C THR A 59 -0.53 5.05 10.12
N GLY A 60 -0.08 5.90 9.23
CA GLY A 60 1.31 6.05 8.92
C GLY A 60 1.77 5.18 7.78
N PHE A 61 0.86 4.39 7.18
CA PHE A 61 1.18 3.47 6.10
C PHE A 61 0.11 3.62 5.02
N ARG A 62 0.49 3.60 3.75
CA ARG A 62 -0.41 3.69 2.60
C ARG A 62 -0.05 2.64 1.60
N ALA A 63 -1.03 2.06 0.97
CA ALA A 63 -0.84 1.20 -0.18
C ALA A 63 -1.39 1.90 -1.40
N TYR A 64 -0.78 1.66 -2.55
CA TYR A 64 -1.05 2.39 -3.79
C TYR A 64 -1.44 1.43 -4.89
N CYS A 65 -2.53 1.69 -5.55
N CYS A 65 -2.52 1.75 -5.56
CA CYS A 65 -2.99 0.82 -6.62
CA CYS A 65 -3.10 0.92 -6.61
C CYS A 65 -3.29 1.61 -7.88
C CYS A 65 -3.22 1.64 -7.94
N ASP A 66 -3.20 0.92 -9.02
CA ASP A 66 -3.65 1.51 -10.26
C ASP A 66 -5.16 1.27 -10.47
N GLU A 67 -5.71 1.91 -11.53
CA GLU A 67 -7.14 1.85 -11.77
C GLU A 67 -7.65 0.42 -11.85
N PRO A 68 -7.00 -0.52 -12.55
CA PRO A 68 -7.43 -1.93 -12.44
C PRO A 68 -7.41 -2.46 -11.02
N GLY A 69 -6.73 -1.81 -10.09
CA GLY A 69 -6.90 -2.16 -8.70
C GLY A 69 -5.71 -2.86 -8.08
N ASP A 70 -4.68 -3.20 -8.86
CA ASP A 70 -3.62 -4.00 -8.30
C ASP A 70 -2.74 -3.14 -7.41
N VAL A 71 -2.23 -3.75 -6.34
CA VAL A 71 -1.31 -3.04 -5.45
C VAL A 71 0.01 -2.95 -6.15
N TYR A 72 0.51 -1.73 -6.29
CA TYR A 72 1.78 -1.48 -6.93
C TYR A 72 2.88 -1.34 -5.89
N ASN A 73 2.72 -0.48 -4.88
CA ASN A 73 3.73 -0.32 -3.84
C ASN A 73 3.06 0.14 -2.56
N VAL A 74 3.87 0.22 -1.49
CA VAL A 74 3.47 0.59 -0.15
C VAL A 74 4.49 1.61 0.33
N ARG A 75 4.05 2.63 1.03
CA ARG A 75 4.90 3.65 1.62
C ARG A 75 4.58 3.83 3.07
N TYR A 76 5.54 4.32 3.84
CA TYR A 76 5.36 4.70 5.21
C TYR A 76 5.69 6.18 5.44
N TRP A 77 5.03 6.82 6.36
CA TRP A 77 5.29 8.24 6.64
C TRP A 77 6.47 8.33 7.56
N ASP A 78 7.46 9.09 7.16
CA ASP A 78 8.70 9.29 7.90
C ASP A 78 8.65 10.65 8.54
N VAL A 79 8.48 10.70 9.86
CA VAL A 79 8.32 11.98 10.53
C VAL A 79 9.59 12.84 10.41
N SER A 80 10.75 12.23 10.47
CA SER A 80 12.00 12.98 10.44
C SER A 80 12.19 13.73 9.15
N SER A 81 11.87 13.08 8.02
CA SER A 81 12.05 13.64 6.70
C SER A 81 10.82 14.33 6.14
N ARG A 82 9.65 14.11 6.78
CA ARG A 82 8.34 14.61 6.34
C ARG A 82 8.05 14.14 4.92
N THR A 83 8.23 12.85 4.71
CA THR A 83 7.96 12.27 3.41
C THR A 83 7.43 10.84 3.56
N TRP A 84 6.75 10.38 2.50
CA TRP A 84 6.29 9.03 2.33
C TRP A 84 7.40 8.19 1.65
N VAL A 85 7.95 7.22 2.38
CA VAL A 85 9.13 6.49 1.98
C VAL A 85 8.69 5.12 1.48
N LEU A 86 9.22 4.71 0.34
CA LEU A 86 8.92 3.41 -0.20
C LEU A 86 9.31 2.30 0.72
N CYS A 87 8.38 1.36 0.97
CA CYS A 87 8.69 0.10 1.61
C CYS A 87 9.22 -0.89 0.56
N THR A 88 9.87 -1.91 1.06
CA THR A 88 10.55 -2.90 0.20
C THR A 88 9.63 -4.12 0.10
N HIS A 89 9.22 -4.48 -1.09
CA HIS A 89 8.50 -5.73 -1.31
C HIS A 89 9.49 -6.90 -1.27
N TYR A 90 9.08 -7.96 -0.61
CA TYR A 90 9.85 -9.19 -0.54
C TYR A 90 8.98 -10.35 -1.04
N ASP A 91 9.61 -11.30 -1.65
CA ASP A 91 8.97 -12.52 -2.12
C ASP A 91 9.81 -13.66 -1.58
N ILE A 92 9.17 -14.63 -0.99
CA ILE A 92 9.83 -15.81 -0.44
C ILE A 92 9.36 -17.03 -1.19
N ASP A 93 10.23 -17.76 -1.82
CA ASP A 93 9.87 -18.98 -2.54
C ASP A 93 10.44 -20.13 -1.74
N PHE A 94 9.63 -21.15 -1.49
CA PHE A 94 10.07 -22.34 -0.76
C PHE A 94 10.14 -23.54 -1.70
#